data_6CCN
#
_entry.id   6CCN
#
_cell.length_a   135.060
_cell.length_b   135.060
_cell.length_c   135.060
_cell.angle_alpha   90.000
_cell.angle_beta   90.000
_cell.angle_gamma   90.000
#
_symmetry.space_group_name_H-M   'I 2 3'
#
loop_
_entity.id
_entity.type
_entity.pdbx_description
1 polymer 'Phosphopantetheine adenylyltransferase'
2 non-polymer (2R)-2,4-dihydroxy-N-[2-(7-hydroxy-1H-benzimidazol-2-yl)ethyl]-3,3-dimethylbutanamide
3 non-polymer 'SULFATE ION'
4 water water
#
_entity_poly.entity_id   1
_entity_poly.type   'polypeptide(L)'
_entity_poly.pdbx_seq_one_letter_code
;MQKRAIYPGTFDPITNGHIDIVTRATQMFDHVILAIAASPSKKPMFTLEERVALAQQATAHLGNVEVVGFSDLMANFARN
QHATVLIRGLRAVADFEYEMQLAHMNRHLMPELESVFLMPSKEWSFISSSLVKEVARHQGDVTHFLPENVHQALMAKLAV
D
;
_entity_poly.pdbx_strand_id   A,B
#
# COMPACT_ATOMS: atom_id res chain seq x y z
N LYS A 3 -12.28 5.05 -11.09
CA LYS A 3 -11.79 4.80 -9.73
C LYS A 3 -11.21 6.10 -9.13
N ARG A 4 -11.76 6.53 -7.98
CA ARG A 4 -11.36 7.77 -7.31
C ARG A 4 -10.55 7.52 -6.03
N ALA A 5 -9.33 8.06 -6.01
CA ALA A 5 -8.43 7.95 -4.87
C ALA A 5 -8.23 9.30 -4.20
N ILE A 6 -8.09 9.27 -2.88
CA ILE A 6 -7.82 10.48 -2.11
C ILE A 6 -6.43 10.38 -1.48
N TYR A 7 -5.62 11.43 -1.61
CA TYR A 7 -4.29 11.46 -1.00
C TYR A 7 -4.37 12.58 0.07
N PRO A 8 -4.64 12.23 1.33
CA PRO A 8 -4.79 13.27 2.35
C PRO A 8 -3.52 13.58 3.12
N GLY A 9 -3.49 14.73 3.77
CA GLY A 9 -2.34 15.15 4.56
C GLY A 9 -2.48 16.59 4.99
N THR A 10 -1.52 17.08 5.78
CA THR A 10 -1.49 18.47 6.24
C THR A 10 -0.81 19.34 5.18
N PHE A 11 0.13 18.75 4.40
CA PHE A 11 0.83 19.41 3.28
C PHE A 11 1.23 20.84 3.63
N ASP A 12 2.00 20.97 4.71
CA ASP A 12 2.40 22.23 5.28
C ASP A 12 3.93 22.48 5.25
N PRO A 13 4.55 22.78 4.08
CA PRO A 13 3.94 22.86 2.75
C PRO A 13 4.09 21.54 1.99
N ILE A 14 3.51 21.45 0.81
CA ILE A 14 3.69 20.29 -0.06
C ILE A 14 5.18 20.27 -0.48
N THR A 15 5.80 19.07 -0.47
CA THR A 15 7.21 18.88 -0.83
C THR A 15 7.32 18.05 -2.10
N ASN A 16 8.56 17.86 -2.61
CA ASN A 16 8.80 16.97 -3.75
C ASN A 16 8.45 15.53 -3.39
N GLY A 17 8.47 15.18 -2.09
CA GLY A 17 8.10 13.83 -1.65
C GLY A 17 6.61 13.60 -1.87
N HIS A 18 5.80 14.64 -1.59
CA HIS A 18 4.35 14.57 -1.83
C HIS A 18 4.03 14.52 -3.33
N ILE A 19 4.80 15.26 -4.16
CA ILE A 19 4.62 15.31 -5.62
C ILE A 19 4.91 13.93 -6.21
N ASP A 20 5.94 13.28 -5.70
CA ASP A 20 6.31 11.96 -6.14
C ASP A 20 5.14 10.98 -5.85
N ILE A 21 4.59 10.97 -4.61
CA ILE A 21 3.48 10.06 -4.26
C ILE A 21 2.23 10.36 -5.10
N VAL A 22 1.85 11.64 -5.22
CA VAL A 22 0.63 11.97 -5.98
C VAL A 22 0.79 11.61 -7.48
N THR A 23 2.03 11.74 -8.03
CA THR A 23 2.30 11.40 -9.43
C THR A 23 2.11 9.89 -9.60
N ARG A 24 2.64 9.09 -8.64
CA ARG A 24 2.49 7.63 -8.68
C ARG A 24 1.02 7.25 -8.59
N ALA A 25 0.25 7.98 -7.76
CA ALA A 25 -1.18 7.72 -7.57
C ALA A 25 -1.98 7.93 -8.89
N THR A 26 -1.60 8.97 -9.71
CA THR A 26 -2.27 9.28 -10.99
C THR A 26 -1.99 8.24 -12.05
N GLN A 27 -0.88 7.47 -11.90
CA GLN A 27 -0.51 6.42 -12.85
C GLN A 27 -1.30 5.15 -12.50
N MET A 28 -1.85 5.11 -11.28
CA MET A 28 -2.58 3.97 -10.78
C MET A 28 -4.09 4.12 -10.83
N PHE A 29 -4.61 5.32 -10.53
CA PHE A 29 -6.04 5.62 -10.47
C PHE A 29 -6.46 6.71 -11.45
N ASP A 30 -7.70 6.64 -11.93
CA ASP A 30 -8.28 7.57 -12.90
C ASP A 30 -8.35 9.02 -12.39
N HIS A 31 -8.79 9.22 -11.14
CA HIS A 31 -8.91 10.54 -10.55
C HIS A 31 -8.33 10.55 -9.14
N VAL A 32 -7.48 11.53 -8.87
CA VAL A 32 -6.83 11.65 -7.58
C VAL A 32 -7.18 12.97 -6.94
N ILE A 33 -7.68 12.91 -5.71
CA ILE A 33 -7.99 14.13 -4.97
C ILE A 33 -6.87 14.30 -3.96
N LEU A 34 -6.13 15.40 -4.03
CA LEU A 34 -5.08 15.67 -3.05
C LEU A 34 -5.82 16.53 -2.01
N ALA A 35 -6.03 15.98 -0.83
CA ALA A 35 -6.88 16.60 0.18
C ALA A 35 -6.10 17.13 1.34
N ILE A 36 -6.19 18.43 1.54
CA ILE A 36 -5.44 19.10 2.59
C ILE A 36 -6.28 19.32 3.82
N ALA A 37 -5.94 18.65 4.91
CA ALA A 37 -6.64 18.79 6.20
C ALA A 37 -6.30 20.13 6.87
N ALA A 38 -7.30 20.83 7.44
CA ALA A 38 -7.02 22.11 8.13
C ALA A 38 -5.97 21.91 9.23
N SER A 39 -6.08 20.79 10.00
CA SER A 39 -5.16 20.40 11.08
C SER A 39 -4.79 21.53 12.05
N PRO A 40 -5.78 22.29 12.65
CA PRO A 40 -5.39 23.36 13.58
C PRO A 40 -4.59 22.88 14.80
N SER A 41 -4.79 21.62 15.25
CA SER A 41 -4.03 21.06 16.39
C SER A 41 -2.51 21.00 16.11
N LYS A 42 -2.12 20.85 14.83
CA LYS A 42 -0.71 20.81 14.43
C LYS A 42 -0.09 22.21 14.33
N LYS A 43 -0.90 23.28 14.55
CA LYS A 43 -0.50 24.71 14.43
C LYS A 43 0.33 24.89 13.13
N PRO A 44 -0.31 24.70 11.96
CA PRO A 44 0.44 24.77 10.68
C PRO A 44 1.04 26.14 10.38
N MET A 45 2.17 26.12 9.67
CA MET A 45 2.90 27.33 9.30
C MET A 45 2.07 28.13 8.32
N PHE A 46 1.46 27.44 7.34
CA PHE A 46 0.67 28.06 6.29
C PHE A 46 -0.80 27.87 6.53
N THR A 47 -1.65 28.87 6.20
CA THR A 47 -3.09 28.73 6.37
C THR A 47 -3.59 27.67 5.38
N LEU A 48 -4.81 27.16 5.59
CA LEU A 48 -5.35 26.16 4.68
C LEU A 48 -5.43 26.69 3.23
N GLU A 49 -5.86 27.96 3.05
CA GLU A 49 -5.97 28.63 1.75
C GLU A 49 -4.62 28.71 1.05
N GLU A 50 -3.55 29.04 1.80
CA GLU A 50 -2.17 29.11 1.28
C GLU A 50 -1.73 27.71 0.82
N ARG A 51 -1.95 26.68 1.67
CA ARG A 51 -1.57 25.29 1.36
C ARG A 51 -2.27 24.75 0.13
N VAL A 52 -3.57 25.03 -0.03
CA VAL A 52 -4.32 24.61 -1.22
C VAL A 52 -3.75 25.31 -2.49
N ALA A 53 -3.51 26.65 -2.43
CA ALA A 53 -2.97 27.41 -3.57
C ALA A 53 -1.58 26.87 -3.95
N LEU A 54 -0.74 26.54 -2.95
CA LEU A 54 0.61 26.03 -3.22
C LEU A 54 0.54 24.70 -3.91
N ALA A 55 -0.33 23.79 -3.41
CA ALA A 55 -0.49 22.46 -3.99
C ALA A 55 -1.15 22.50 -5.37
N GLN A 56 -2.14 23.41 -5.58
CA GLN A 56 -2.78 23.60 -6.90
C GLN A 56 -1.73 23.99 -7.94
N GLN A 57 -0.90 24.98 -7.60
CA GLN A 57 0.17 25.48 -8.47
C GLN A 57 1.20 24.36 -8.70
N ALA A 58 1.58 23.64 -7.63
CA ALA A 58 2.57 22.55 -7.74
C ALA A 58 2.11 21.33 -8.54
N THR A 59 0.79 21.05 -8.59
CA THR A 59 0.27 19.87 -9.29
C THR A 59 -0.46 20.22 -10.60
N ALA A 60 -0.50 21.51 -10.99
CA ALA A 60 -1.17 21.99 -12.20
C ALA A 60 -0.80 21.21 -13.47
N HIS A 61 0.47 20.73 -13.57
CA HIS A 61 1.01 19.95 -14.69
C HIS A 61 0.44 18.52 -14.78
N LEU A 62 -0.21 18.03 -13.70
CA LEU A 62 -0.84 16.70 -13.62
C LEU A 62 -2.33 16.84 -13.90
N GLY A 63 -2.75 16.33 -15.04
CA GLY A 63 -4.13 16.43 -15.52
C GLY A 63 -5.24 15.90 -14.64
N ASN A 64 -5.00 14.81 -13.89
CA ASN A 64 -6.05 14.16 -13.12
C ASN A 64 -5.93 14.32 -11.58
N VAL A 65 -5.32 15.44 -11.13
CA VAL A 65 -5.24 15.76 -9.70
C VAL A 65 -6.19 16.92 -9.44
N GLU A 66 -6.98 16.82 -8.36
CA GLU A 66 -7.87 17.89 -7.91
C GLU A 66 -7.43 18.24 -6.49
N VAL A 67 -7.10 19.50 -6.21
CA VAL A 67 -6.64 19.84 -4.86
C VAL A 67 -7.80 20.45 -4.10
N VAL A 68 -8.04 19.98 -2.88
CA VAL A 68 -9.16 20.49 -2.09
C VAL A 68 -8.73 20.59 -0.63
N GLY A 69 -9.34 21.49 0.11
CA GLY A 69 -9.08 21.60 1.55
C GLY A 69 -10.27 21.06 2.31
N PHE A 70 -10.07 20.56 3.53
CA PHE A 70 -11.21 20.06 4.32
C PHE A 70 -10.92 20.17 5.82
N SER A 71 -11.97 20.34 6.62
CA SER A 71 -11.85 20.38 8.07
C SER A 71 -12.69 19.21 8.67
N ASP A 72 -13.32 18.41 7.81
CA ASP A 72 -14.20 17.28 8.19
C ASP A 72 -13.38 16.10 8.67
N LEU A 73 -14.08 15.06 9.17
CA LEU A 73 -13.50 13.76 9.49
C LEU A 73 -13.03 13.19 8.15
N MET A 74 -11.84 12.58 8.12
CA MET A 74 -11.31 12.00 6.90
C MET A 74 -12.33 11.01 6.23
N ALA A 75 -12.87 10.06 7.00
CA ALA A 75 -13.79 9.05 6.47
C ALA A 75 -15.03 9.69 5.80
N ASN A 76 -15.58 10.75 6.42
CA ASN A 76 -16.73 11.46 5.85
C ASN A 76 -16.34 12.19 4.58
N PHE A 77 -15.18 12.88 4.58
CA PHE A 77 -14.70 13.59 3.37
C PHE A 77 -14.46 12.62 2.22
N ALA A 78 -13.88 11.43 2.48
CA ALA A 78 -13.65 10.40 1.47
C ALA A 78 -14.99 9.93 0.88
N ARG A 79 -15.98 9.59 1.75
CA ARG A 79 -17.32 9.17 1.32
C ARG A 79 -17.93 10.25 0.45
N ASN A 80 -17.82 11.52 0.87
CA ASN A 80 -18.40 12.67 0.15
C ASN A 80 -17.70 13.00 -1.16
N GLN A 81 -16.47 12.53 -1.33
CA GLN A 81 -15.71 12.68 -2.57
C GLN A 81 -15.92 11.46 -3.49
N HIS A 82 -16.74 10.45 -3.05
CA HIS A 82 -16.98 9.18 -3.76
C HIS A 82 -15.62 8.45 -3.98
N ALA A 83 -14.70 8.57 -3.00
CA ALA A 83 -13.37 7.93 -3.07
C ALA A 83 -13.47 6.59 -2.36
N THR A 84 -12.77 5.57 -2.87
CA THR A 84 -12.81 4.23 -2.28
C THR A 84 -11.40 3.77 -1.98
N VAL A 85 -10.43 4.65 -2.25
CA VAL A 85 -9.01 4.40 -2.00
C VAL A 85 -8.44 5.63 -1.34
N LEU A 86 -7.70 5.40 -0.26
CA LEU A 86 -6.98 6.44 0.46
C LEU A 86 -5.50 6.12 0.35
N ILE A 87 -4.69 7.06 -0.09
CA ILE A 87 -3.27 6.82 -0.29
C ILE A 87 -2.45 7.55 0.73
N ARG A 88 -1.42 6.87 1.25
CA ARG A 88 -0.41 7.50 2.11
C ARG A 88 0.95 6.99 1.65
N GLY A 89 1.95 7.85 1.73
CA GLY A 89 3.32 7.49 1.40
C GLY A 89 3.94 6.79 2.61
N LEU A 90 4.69 5.70 2.39
CA LEU A 90 5.31 4.92 3.45
C LEU A 90 6.76 5.28 3.55
N ARG A 91 7.12 6.05 4.60
CA ARG A 91 8.47 6.53 4.85
C ARG A 91 9.20 5.75 5.96
N ALA A 92 8.98 6.11 7.24
CA ALA A 92 9.65 5.50 8.40
C ALA A 92 8.69 4.64 9.26
N VAL A 93 9.25 3.91 10.27
CA VAL A 93 8.49 3.05 11.20
C VAL A 93 7.42 3.83 11.98
N ALA A 94 7.78 5.02 12.52
CA ALA A 94 6.88 5.86 13.31
C ALA A 94 5.65 6.27 12.49
N ASP A 95 5.86 6.53 11.19
CA ASP A 95 4.84 6.88 10.23
C ASP A 95 3.98 5.66 9.97
N PHE A 96 4.61 4.51 9.66
CA PHE A 96 3.94 3.26 9.36
C PHE A 96 2.97 2.82 10.49
N GLU A 97 3.44 2.84 11.76
CA GLU A 97 2.61 2.45 12.90
C GLU A 97 1.44 3.42 13.11
N TYR A 98 1.68 4.74 13.00
CA TYR A 98 0.60 5.73 13.12
C TYR A 98 -0.39 5.55 11.96
N GLU A 99 0.13 5.28 10.75
CA GLU A 99 -0.68 5.07 9.55
C GLU A 99 -1.57 3.84 9.70
N MET A 100 -1.08 2.76 10.34
CA MET A 100 -1.87 1.54 10.63
C MET A 100 -3.06 1.91 11.49
N GLN A 101 -2.83 2.75 12.53
CA GLN A 101 -3.90 3.19 13.46
C GLN A 101 -4.98 3.95 12.73
N LEU A 102 -4.59 4.92 11.87
CA LEU A 102 -5.57 5.69 11.11
C LEU A 102 -6.31 4.78 10.15
N ALA A 103 -5.60 3.85 9.46
CA ALA A 103 -6.21 2.94 8.50
C ALA A 103 -7.26 2.07 9.19
N HIS A 104 -6.94 1.52 10.37
CA HIS A 104 -7.91 0.70 11.10
C HIS A 104 -9.09 1.52 11.61
N MET A 105 -8.84 2.79 11.98
CA MET A 105 -9.92 3.66 12.43
C MET A 105 -10.83 4.00 11.23
N ASN A 106 -10.24 4.39 10.10
CA ASN A 106 -10.99 4.67 8.87
C ASN A 106 -11.80 3.47 8.38
N ARG A 107 -11.27 2.26 8.54
CA ARG A 107 -11.97 1.02 8.16
C ARG A 107 -13.22 0.82 9.03
N HIS A 108 -13.13 1.14 10.35
CA HIS A 108 -14.28 1.06 11.26
C HIS A 108 -15.37 2.07 10.83
N LEU A 109 -14.96 3.29 10.46
CA LEU A 109 -15.87 4.37 10.07
C LEU A 109 -16.43 4.22 8.65
N MET A 110 -15.64 3.67 7.73
CA MET A 110 -16.02 3.51 6.32
C MET A 110 -15.37 2.19 5.83
N PRO A 111 -16.01 1.01 6.04
CA PRO A 111 -15.37 -0.26 5.64
C PRO A 111 -14.97 -0.38 4.16
N GLU A 112 -15.68 0.28 3.24
CA GLU A 112 -15.35 0.17 1.80
C GLU A 112 -14.18 1.08 1.37
N LEU A 113 -13.70 1.93 2.27
CA LEU A 113 -12.57 2.79 1.95
C LEU A 113 -11.27 2.00 2.21
N GLU A 114 -10.52 1.71 1.16
CA GLU A 114 -9.28 0.96 1.31
C GLU A 114 -8.09 1.90 1.44
N SER A 115 -7.41 1.87 2.61
CA SER A 115 -6.20 2.67 2.82
C SER A 115 -5.03 1.86 2.30
N VAL A 116 -4.27 2.45 1.37
CA VAL A 116 -3.12 1.78 0.77
C VAL A 116 -1.88 2.65 0.88
N PHE A 117 -0.71 2.03 0.77
CA PHE A 117 0.54 2.75 0.87
C PHE A 117 1.32 2.68 -0.39
N LEU A 118 1.96 3.80 -0.75
CA LEU A 118 2.87 3.86 -1.89
C LEU A 118 4.22 4.17 -1.31
N MET A 119 5.25 3.73 -1.98
CA MET A 119 6.58 4.01 -1.48
C MET A 119 7.27 5.10 -2.30
N PRO A 120 7.77 6.18 -1.64
CA PRO A 120 8.42 7.24 -2.41
C PRO A 120 9.75 6.79 -3.00
N SER A 121 10.23 7.56 -3.96
CA SER A 121 11.54 7.39 -4.58
C SER A 121 12.59 7.49 -3.44
N LYS A 122 13.74 6.82 -3.60
CA LYS A 122 14.86 6.86 -2.64
C LYS A 122 15.26 8.34 -2.43
N GLU A 123 15.13 9.14 -3.48
CA GLU A 123 15.47 10.56 -3.49
C GLU A 123 14.75 11.34 -2.37
N TRP A 124 13.47 11.00 -2.11
CA TRP A 124 12.62 11.70 -1.13
C TRP A 124 12.29 10.90 0.13
N SER A 125 12.96 9.75 0.31
CA SER A 125 12.75 8.81 1.41
C SER A 125 13.15 9.31 2.81
N PHE A 126 13.89 10.43 2.90
CA PHE A 126 14.39 10.93 4.19
C PHE A 126 13.98 12.37 4.46
N ILE A 127 12.98 12.87 3.71
CA ILE A 127 12.50 14.25 3.89
C ILE A 127 11.10 14.27 4.47
N SER A 128 10.70 15.44 4.97
CA SER A 128 9.37 15.71 5.50
C SER A 128 9.17 17.22 5.50
N SER A 129 7.90 17.69 5.55
CA SER A 129 7.61 19.13 5.61
C SER A 129 8.32 19.74 6.84
N SER A 130 8.26 19.02 7.99
CA SER A 130 8.84 19.47 9.25
C SER A 130 10.34 19.71 9.13
N LEU A 131 11.04 18.75 8.50
CA LEU A 131 12.48 18.84 8.29
C LEU A 131 12.83 19.98 7.35
N VAL A 132 12.09 20.12 6.24
CA VAL A 132 12.36 21.20 5.27
C VAL A 132 12.16 22.59 5.95
N LYS A 133 11.10 22.74 6.77
CA LYS A 133 10.83 23.98 7.52
C LYS A 133 11.97 24.28 8.51
N GLU A 134 12.50 23.25 9.21
CA GLU A 134 13.59 23.42 10.17
C GLU A 134 14.86 23.92 9.47
N VAL A 135 15.22 23.34 8.31
CA VAL A 135 16.39 23.79 7.51
C VAL A 135 16.16 25.26 7.07
N ALA A 136 14.96 25.54 6.52
CA ALA A 136 14.58 26.87 6.03
C ALA A 136 14.59 27.93 7.14
N ARG A 137 14.20 27.56 8.37
CA ARG A 137 14.21 28.47 9.52
C ARG A 137 15.65 28.90 9.81
N HIS A 138 16.64 28.06 9.43
CA HIS A 138 18.06 28.35 9.65
C HIS A 138 18.74 28.81 8.37
N GLN A 139 17.93 29.28 7.39
CA GLN A 139 18.38 29.82 6.09
C GLN A 139 19.12 28.81 5.19
N GLY A 140 18.94 27.51 5.44
CA GLY A 140 19.57 26.46 4.64
C GLY A 140 18.88 26.28 3.31
N ASP A 141 19.64 25.90 2.29
CA ASP A 141 19.12 25.72 0.94
C ASP A 141 18.18 24.50 0.81
N VAL A 142 16.89 24.77 0.57
CA VAL A 142 15.88 23.72 0.43
C VAL A 142 15.32 23.67 -1.00
N THR A 143 15.98 24.37 -1.96
CA THR A 143 15.49 24.41 -3.35
C THR A 143 15.30 23.02 -3.96
N HIS A 144 16.18 22.07 -3.63
CA HIS A 144 16.12 20.70 -4.15
C HIS A 144 14.84 19.92 -3.73
N PHE A 145 14.26 20.25 -2.56
CA PHE A 145 13.18 19.47 -1.94
C PHE A 145 11.78 19.97 -2.20
N LEU A 146 11.67 21.14 -2.80
CA LEU A 146 10.36 21.75 -2.99
C LEU A 146 10.08 22.22 -4.39
N PRO A 147 8.79 22.24 -4.81
CA PRO A 147 8.46 22.89 -6.09
C PRO A 147 8.85 24.37 -5.98
N GLU A 148 9.17 25.02 -7.11
CA GLU A 148 9.62 26.42 -7.16
C GLU A 148 8.69 27.40 -6.38
N ASN A 149 7.36 27.34 -6.63
CA ASN A 149 6.38 28.23 -5.98
C ASN A 149 6.38 28.07 -4.45
N VAL A 150 6.57 26.84 -3.96
CA VAL A 150 6.59 26.52 -2.53
C VAL A 150 7.86 27.08 -1.91
N HIS A 151 9.00 26.94 -2.59
CA HIS A 151 10.26 27.50 -2.09
C HIS A 151 10.13 29.03 -1.90
N GLN A 152 9.51 29.73 -2.87
CA GLN A 152 9.30 31.19 -2.82
C GLN A 152 8.40 31.56 -1.63
N ALA A 153 7.30 30.79 -1.43
CA ALA A 153 6.34 30.98 -0.35
C ALA A 153 6.94 30.76 1.02
N LEU A 154 7.78 29.72 1.18
CA LEU A 154 8.44 29.39 2.46
C LEU A 154 9.39 30.53 2.85
N MET A 155 10.12 31.05 1.88
CA MET A 155 11.03 32.18 2.10
C MET A 155 10.29 33.46 2.47
N ALA A 156 9.18 33.75 1.77
CA ALA A 156 8.34 34.94 2.03
C ALA A 156 7.75 34.88 3.44
N LYS A 157 7.26 33.70 3.86
CA LYS A 157 6.67 33.46 5.18
C LYS A 157 7.69 33.66 6.31
N LEU A 158 8.95 33.24 6.09
CA LEU A 158 10.03 33.34 7.07
C LEU A 158 10.76 34.69 7.09
N ALA A 159 10.94 35.35 5.93
CA ALA A 159 11.63 36.65 5.83
C ALA A 159 10.91 37.77 6.56
N GLN B 2 -8.46 -0.54 -17.16
CA GLN B 2 -8.18 -1.97 -17.31
C GLN B 2 -6.83 -2.35 -16.65
N LYS B 3 -6.65 -1.95 -15.38
CA LYS B 3 -5.43 -2.23 -14.60
C LYS B 3 -5.32 -3.70 -14.18
N ARG B 4 -4.13 -4.29 -14.42
CA ARG B 4 -3.82 -5.65 -14.02
C ARG B 4 -2.85 -5.59 -12.83
N ALA B 5 -3.26 -6.21 -11.72
CA ALA B 5 -2.45 -6.28 -10.53
C ALA B 5 -1.98 -7.71 -10.27
N ILE B 6 -0.77 -7.84 -9.76
CA ILE B 6 -0.19 -9.13 -9.35
C ILE B 6 -0.05 -9.15 -7.84
N TYR B 7 -0.43 -10.28 -7.22
CA TYR B 7 -0.31 -10.51 -5.78
C TYR B 7 0.56 -11.77 -5.61
N PRO B 8 1.89 -11.57 -5.54
CA PRO B 8 2.79 -12.73 -5.47
C PRO B 8 3.11 -13.18 -4.06
N GLY B 9 3.53 -14.43 -3.94
CA GLY B 9 3.90 -14.97 -2.65
C GLY B 9 4.14 -16.45 -2.78
N THR B 10 4.54 -17.06 -1.69
CA THR B 10 4.77 -18.51 -1.68
C THR B 10 3.45 -19.24 -1.41
N PHE B 11 2.51 -18.62 -0.66
CA PHE B 11 1.19 -19.15 -0.30
C PHE B 11 1.30 -20.61 0.09
N ASP B 12 2.15 -20.89 1.11
CA ASP B 12 2.44 -22.25 1.57
C ASP B 12 1.97 -22.53 3.00
N PRO B 13 0.66 -22.78 3.24
CA PRO B 13 -0.47 -22.71 2.31
C PRO B 13 -1.13 -21.32 2.31
N ILE B 14 -2.12 -21.10 1.42
CA ILE B 14 -2.88 -19.87 1.42
C ILE B 14 -3.67 -19.79 2.76
N THR B 15 -3.65 -18.60 3.42
CA THR B 15 -4.37 -18.43 4.70
C THR B 15 -5.53 -17.45 4.52
N ASN B 16 -6.34 -17.27 5.58
CA ASN B 16 -7.41 -16.27 5.58
C ASN B 16 -6.81 -14.87 5.45
N GLY B 17 -5.58 -14.68 5.91
CA GLY B 17 -4.84 -13.42 5.77
C GLY B 17 -4.63 -13.08 4.29
N HIS B 18 -4.20 -14.08 3.50
CA HIS B 18 -4.02 -13.93 2.03
C HIS B 18 -5.36 -13.71 1.32
N ILE B 19 -6.42 -14.43 1.73
CA ILE B 19 -7.77 -14.30 1.16
C ILE B 19 -8.26 -12.87 1.38
N ASP B 20 -8.06 -12.33 2.59
CA ASP B 20 -8.42 -10.97 2.97
C ASP B 20 -7.72 -9.97 2.03
N ILE B 21 -6.39 -10.10 1.84
CA ILE B 21 -5.63 -9.21 0.95
C ILE B 21 -6.10 -9.30 -0.51
N VAL B 22 -6.23 -10.53 -1.03
CA VAL B 22 -6.63 -10.67 -2.45
C VAL B 22 -8.08 -10.16 -2.65
N THR B 23 -8.97 -10.33 -1.64
CA THR B 23 -10.35 -9.80 -1.73
C THR B 23 -10.33 -8.27 -1.84
N ARG B 24 -9.54 -7.60 -0.98
CA ARG B 24 -9.38 -6.13 -1.00
C ARG B 24 -8.85 -5.70 -2.37
N ALA B 25 -7.84 -6.42 -2.92
CA ALA B 25 -7.27 -6.11 -4.23
C ALA B 25 -8.33 -6.17 -5.35
N THR B 26 -9.25 -7.18 -5.34
CA THR B 26 -10.30 -7.29 -6.37
C THR B 26 -11.31 -6.14 -6.34
N GLN B 27 -11.44 -5.47 -5.19
CA GLN B 27 -12.35 -4.33 -5.04
C GLN B 27 -11.70 -3.07 -5.62
N MET B 28 -10.37 -3.08 -5.77
CA MET B 28 -9.59 -1.95 -6.28
C MET B 28 -9.19 -2.06 -7.72
N PHE B 29 -8.84 -3.27 -8.16
CA PHE B 29 -8.32 -3.49 -9.50
C PHE B 29 -9.21 -4.41 -10.31
N ASP B 30 -9.27 -4.17 -11.64
CA ASP B 30 -10.08 -4.92 -12.59
C ASP B 30 -9.69 -6.39 -12.69
N HIS B 31 -8.37 -6.69 -12.74
CA HIS B 31 -7.90 -8.06 -12.81
C HIS B 31 -6.75 -8.25 -11.86
N VAL B 32 -6.84 -9.31 -11.04
CA VAL B 32 -5.82 -9.64 -10.05
C VAL B 32 -5.27 -11.04 -10.35
N ILE B 33 -3.95 -11.14 -10.54
CA ILE B 33 -3.27 -12.42 -10.69
C ILE B 33 -2.71 -12.78 -9.30
N LEU B 34 -3.18 -13.88 -8.70
CA LEU B 34 -2.62 -14.37 -7.44
C LEU B 34 -1.51 -15.30 -7.94
N ALA B 35 -0.27 -14.82 -7.87
CA ALA B 35 0.89 -15.50 -8.44
C ALA B 35 1.64 -16.27 -7.38
N ILE B 36 1.76 -17.60 -7.56
CA ILE B 36 2.40 -18.49 -6.59
C ILE B 36 3.82 -18.84 -7.02
N ALA B 37 4.79 -18.42 -6.21
CA ALA B 37 6.22 -18.65 -6.48
C ALA B 37 6.61 -20.04 -6.09
N ALA B 38 7.35 -20.71 -6.99
CA ALA B 38 7.88 -22.05 -6.72
C ALA B 38 8.60 -22.06 -5.34
N SER B 39 9.47 -21.06 -5.10
CA SER B 39 10.24 -20.84 -3.89
C SER B 39 10.97 -22.08 -3.37
N PRO B 40 11.83 -22.74 -4.19
CA PRO B 40 12.51 -23.96 -3.71
C PRO B 40 13.48 -23.79 -2.53
N SER B 41 14.13 -22.61 -2.40
CA SER B 41 15.09 -22.36 -1.31
C SER B 41 14.43 -22.32 0.08
N LYS B 42 13.10 -22.10 0.12
CA LYS B 42 12.31 -22.07 1.35
C LYS B 42 11.85 -23.46 1.79
N LYS B 43 12.00 -24.50 0.90
CA LYS B 43 11.60 -25.91 1.12
C LYS B 43 10.10 -25.99 1.50
N PRO B 44 9.17 -25.68 0.56
CA PRO B 44 7.75 -25.63 0.94
C PRO B 44 7.10 -26.93 1.37
N MET B 45 6.11 -26.83 2.29
CA MET B 45 5.33 -27.96 2.77
C MET B 45 4.48 -28.55 1.64
N PHE B 46 3.83 -27.70 0.86
CA PHE B 46 2.98 -28.13 -0.25
C PHE B 46 3.72 -27.86 -1.56
N THR B 47 3.54 -28.74 -2.55
CA THR B 47 4.17 -28.57 -3.86
C THR B 47 3.45 -27.39 -4.55
N LEU B 48 4.07 -26.81 -5.59
CA LEU B 48 3.46 -25.70 -6.35
C LEU B 48 2.04 -26.04 -6.85
N GLU B 49 1.86 -27.22 -7.45
CA GLU B 49 0.56 -27.69 -7.95
C GLU B 49 -0.51 -27.80 -6.86
N GLU B 50 -0.14 -28.26 -5.64
CA GLU B 50 -1.06 -28.34 -4.50
C GLU B 50 -1.41 -26.92 -4.05
N ARG B 51 -0.39 -26.04 -4.02
CA ARG B 51 -0.56 -24.63 -3.61
C ARG B 51 -1.48 -23.87 -4.56
N VAL B 52 -1.33 -24.11 -5.88
CA VAL B 52 -2.19 -23.51 -6.92
C VAL B 52 -3.63 -24.05 -6.79
N ALA B 53 -3.81 -25.37 -6.68
CA ALA B 53 -5.17 -25.95 -6.58
C ALA B 53 -5.88 -25.44 -5.31
N LEU B 54 -5.16 -25.32 -4.19
CA LEU B 54 -5.77 -24.80 -2.94
C LEU B 54 -6.21 -23.34 -3.10
N ALA B 55 -5.36 -22.51 -3.72
CA ALA B 55 -5.66 -21.09 -3.93
C ALA B 55 -6.80 -20.88 -4.90
N GLN B 56 -6.88 -21.73 -5.95
CA GLN B 56 -7.97 -21.68 -6.94
C GLN B 56 -9.31 -21.95 -6.29
N GLN B 57 -9.39 -23.02 -5.47
CA GLN B 57 -10.61 -23.39 -4.76
C GLN B 57 -11.00 -22.30 -3.76
N ALA B 58 -10.01 -21.76 -3.01
CA ALA B 58 -10.27 -20.74 -1.99
C ALA B 58 -10.63 -19.34 -2.55
N THR B 59 -10.30 -19.08 -3.85
CA THR B 59 -10.63 -17.79 -4.48
C THR B 59 -11.71 -17.91 -5.58
N ALA B 60 -12.25 -19.13 -5.83
CA ALA B 60 -13.23 -19.40 -6.90
C ALA B 60 -14.45 -18.45 -6.93
N HIS B 61 -14.87 -17.93 -5.76
CA HIS B 61 -15.99 -17.00 -5.57
C HIS B 61 -15.65 -15.56 -6.03
N LEU B 62 -14.35 -15.25 -6.19
CA LEU B 62 -13.88 -13.93 -6.65
C LEU B 62 -13.68 -14.00 -8.16
N GLY B 63 -14.59 -13.38 -8.91
CA GLY B 63 -14.63 -13.44 -10.37
C GLY B 63 -13.45 -12.87 -11.14
N ASN B 64 -12.69 -11.94 -10.54
CA ASN B 64 -11.60 -11.31 -11.28
C ASN B 64 -10.20 -11.70 -10.74
N VAL B 65 -10.08 -12.93 -10.22
CA VAL B 65 -8.82 -13.50 -9.73
C VAL B 65 -8.42 -14.68 -10.61
N GLU B 66 -7.16 -14.68 -11.01
CA GLU B 66 -6.52 -15.73 -11.78
C GLU B 66 -5.40 -16.26 -10.90
N VAL B 67 -5.39 -17.56 -10.58
CA VAL B 67 -4.29 -18.12 -9.80
C VAL B 67 -3.28 -18.74 -10.80
N VAL B 68 -1.99 -18.38 -10.69
CA VAL B 68 -0.96 -18.85 -11.64
C VAL B 68 0.32 -19.11 -10.88
N GLY B 69 1.02 -20.18 -11.22
CA GLY B 69 2.32 -20.52 -10.65
C GLY B 69 3.44 -19.89 -11.48
N PHE B 70 4.57 -19.57 -10.85
CA PHE B 70 5.72 -19.01 -11.56
C PHE B 70 7.01 -19.39 -10.85
N SER B 71 8.10 -19.58 -11.63
CA SER B 71 9.40 -19.99 -11.09
C SER B 71 10.46 -18.94 -11.41
N ASP B 72 10.06 -17.93 -12.15
CA ASP B 72 11.01 -16.90 -12.51
C ASP B 72 11.06 -15.77 -11.51
N LEU B 73 11.92 -14.78 -11.80
CA LEU B 73 12.01 -13.59 -11.01
C LEU B 73 10.60 -13.00 -11.05
N MET B 74 10.08 -12.60 -9.88
CA MET B 74 8.73 -12.06 -9.82
C MET B 74 8.55 -10.91 -10.80
N ALA B 75 9.52 -9.98 -10.88
CA ALA B 75 9.40 -8.84 -11.79
C ALA B 75 9.36 -9.29 -13.28
N ASN B 76 10.09 -10.37 -13.65
CA ASN B 76 10.08 -10.91 -15.03
C ASN B 76 8.67 -11.43 -15.34
N PHE B 77 8.08 -12.17 -14.38
CA PHE B 77 6.72 -12.68 -14.54
C PHE B 77 5.69 -11.55 -14.61
N ALA B 78 5.78 -10.54 -13.71
CA ALA B 78 4.89 -9.38 -13.68
C ALA B 78 4.89 -8.69 -15.07
N ARG B 79 6.10 -8.45 -15.62
CA ARG B 79 6.30 -7.84 -16.94
C ARG B 79 5.61 -8.64 -18.04
N ASN B 80 5.82 -9.96 -18.05
CA ASN B 80 5.22 -10.85 -19.06
C ASN B 80 3.69 -10.93 -18.95
N GLN B 81 3.16 -10.63 -17.77
CA GLN B 81 1.72 -10.68 -17.53
C GLN B 81 1.07 -9.33 -17.77
N HIS B 82 1.89 -8.31 -18.11
CA HIS B 82 1.41 -6.93 -18.35
C HIS B 82 0.77 -6.34 -17.08
N ALA B 83 1.35 -6.68 -15.92
CA ALA B 83 0.88 -6.15 -14.63
C ALA B 83 1.60 -4.82 -14.39
N THR B 84 0.87 -3.83 -13.87
CA THR B 84 1.49 -2.52 -13.58
C THR B 84 1.36 -2.21 -12.08
N VAL B 85 0.75 -3.12 -11.34
CA VAL B 85 0.52 -2.97 -9.91
C VAL B 85 0.97 -4.26 -9.22
N LEU B 86 1.75 -4.11 -8.15
CA LEU B 86 2.23 -5.24 -7.36
C LEU B 86 1.65 -5.12 -5.94
N ILE B 87 0.80 -6.05 -5.55
CA ILE B 87 0.15 -6.04 -4.24
C ILE B 87 1.04 -6.69 -3.22
N ARG B 88 1.23 -6.01 -2.07
CA ARG B 88 1.93 -6.58 -0.93
C ARG B 88 1.02 -6.38 0.28
N GLY B 89 0.89 -7.40 1.11
CA GLY B 89 0.15 -7.32 2.36
C GLY B 89 1.12 -6.86 3.43
N LEU B 90 0.72 -5.93 4.30
CA LEU B 90 1.57 -5.43 5.39
C LEU B 90 0.89 -5.64 6.71
N ARG B 91 1.53 -6.33 7.65
CA ARG B 91 0.94 -6.57 8.97
C ARG B 91 1.64 -5.83 10.09
N ALA B 92 2.99 -5.71 10.03
CA ALA B 92 3.80 -5.09 11.10
C ALA B 92 5.16 -4.54 10.62
N VAL B 93 6.00 -4.08 11.58
CA VAL B 93 7.34 -3.46 11.37
C VAL B 93 8.28 -4.36 10.55
N ALA B 94 8.44 -5.65 10.94
CA ALA B 94 9.31 -6.61 10.24
C ALA B 94 8.93 -6.68 8.75
N ASP B 95 7.62 -6.78 8.46
CA ASP B 95 7.09 -6.79 7.10
C ASP B 95 7.63 -5.55 6.35
N PHE B 96 7.34 -4.35 6.88
CA PHE B 96 7.73 -3.03 6.36
C PHE B 96 9.21 -2.89 5.88
N GLU B 97 10.22 -3.19 6.72
CA GLU B 97 11.64 -3.02 6.34
C GLU B 97 12.10 -3.89 5.15
N TYR B 98 11.75 -5.18 5.17
CA TYR B 98 12.07 -6.10 4.08
C TYR B 98 11.27 -5.74 2.84
N GLU B 99 10.02 -5.29 3.05
CA GLU B 99 9.12 -4.90 1.97
C GLU B 99 9.63 -3.67 1.25
N MET B 100 10.30 -2.77 1.97
CA MET B 100 10.89 -1.58 1.36
C MET B 100 12.07 -1.93 0.46
N GLN B 101 12.94 -2.86 0.90
CA GLN B 101 14.09 -3.34 0.11
C GLN B 101 13.56 -3.97 -1.18
N LEU B 102 12.56 -4.87 -1.04
CA LEU B 102 11.93 -5.60 -2.14
C LEU B 102 11.30 -4.66 -3.13
N ALA B 103 10.58 -3.65 -2.62
CA ALA B 103 9.90 -2.68 -3.47
C ALA B 103 10.89 -1.84 -4.26
N HIS B 104 11.98 -1.37 -3.63
CA HIS B 104 13.01 -0.63 -4.36
C HIS B 104 13.70 -1.50 -5.41
N MET B 105 13.96 -2.78 -5.07
CA MET B 105 14.60 -3.70 -6.02
C MET B 105 13.67 -3.91 -7.22
N ASN B 106 12.38 -4.20 -6.94
CA ASN B 106 11.36 -4.39 -7.99
C ASN B 106 11.22 -3.16 -8.87
N ARG B 107 11.34 -1.96 -8.27
CA ARG B 107 11.27 -0.69 -9.03
C ARG B 107 12.47 -0.54 -9.95
N HIS B 108 13.66 -0.98 -9.47
CA HIS B 108 14.86 -0.97 -10.28
C HIS B 108 14.67 -1.93 -11.48
N LEU B 109 14.10 -3.12 -11.20
CA LEU B 109 13.95 -4.15 -12.23
C LEU B 109 12.88 -3.81 -13.23
N MET B 110 11.76 -3.26 -12.75
CA MET B 110 10.61 -2.93 -13.59
C MET B 110 9.99 -1.63 -13.07
N PRO B 111 10.49 -0.46 -13.56
CA PRO B 111 10.00 0.84 -13.05
C PRO B 111 8.52 1.09 -13.23
N GLU B 112 7.93 0.53 -14.29
CA GLU B 112 6.50 0.68 -14.57
C GLU B 112 5.62 -0.18 -13.64
N LEU B 113 6.23 -1.00 -12.75
CA LEU B 113 5.46 -1.82 -11.81
C LEU B 113 5.39 -1.09 -10.47
N GLU B 114 4.19 -0.65 -10.08
CA GLU B 114 4.03 0.12 -8.86
C GLU B 114 3.68 -0.78 -7.68
N SER B 115 4.50 -0.77 -6.61
CA SER B 115 4.20 -1.56 -5.42
C SER B 115 3.14 -0.83 -4.58
N VAL B 116 2.06 -1.52 -4.22
CA VAL B 116 0.99 -0.95 -3.39
C VAL B 116 0.80 -1.87 -2.20
N PHE B 117 0.80 -1.30 -0.98
CA PHE B 117 0.71 -2.06 0.26
C PHE B 117 -0.66 -1.95 0.86
N LEU B 118 -1.30 -3.09 1.10
CA LEU B 118 -2.63 -3.20 1.69
C LEU B 118 -2.51 -3.74 3.10
N MET B 119 -3.50 -3.45 3.91
CA MET B 119 -3.51 -3.94 5.29
C MET B 119 -4.60 -4.96 5.51
N PRO B 120 -4.28 -6.12 6.11
CA PRO B 120 -5.33 -7.10 6.35
C PRO B 120 -6.20 -6.67 7.53
N SER B 121 -7.32 -7.33 7.71
CA SER B 121 -8.20 -7.11 8.85
C SER B 121 -7.37 -7.31 10.12
N LYS B 122 -7.76 -6.68 11.22
CA LYS B 122 -7.08 -6.87 12.52
C LYS B 122 -7.05 -8.37 12.87
N GLU B 123 -8.08 -9.11 12.42
CA GLU B 123 -8.25 -10.55 12.67
C GLU B 123 -7.06 -11.38 12.21
N TRP B 124 -6.46 -11.00 11.05
CA TRP B 124 -5.33 -11.71 10.45
C TRP B 124 -4.02 -10.95 10.55
N SER B 125 -3.98 -9.87 11.33
CA SER B 125 -2.76 -9.03 11.40
C SER B 125 -1.57 -9.62 12.17
N PHE B 126 -1.74 -10.78 12.83
CA PHE B 126 -0.68 -11.40 13.63
C PHE B 126 -0.37 -12.83 13.19
N ILE B 127 -0.87 -13.24 12.01
CA ILE B 127 -0.61 -14.59 11.50
C ILE B 127 0.28 -14.59 10.27
N SER B 128 0.89 -15.75 10.01
CA SER B 128 1.72 -16.02 8.85
C SER B 128 1.57 -17.48 8.54
N SER B 129 1.84 -17.87 7.28
CA SER B 129 1.84 -19.27 6.87
C SER B 129 2.79 -20.08 7.76
N SER B 130 3.98 -19.51 8.07
N SER B 130 3.98 -19.52 8.07
CA SER B 130 5.03 -20.13 8.89
CA SER B 130 5.01 -20.18 8.88
C SER B 130 4.53 -20.50 10.27
C SER B 130 4.53 -20.51 10.29
N LEU B 131 3.89 -19.54 10.95
CA LEU B 131 3.36 -19.74 12.30
C LEU B 131 2.20 -20.76 12.27
N VAL B 132 1.33 -20.67 11.26
CA VAL B 132 0.23 -21.62 11.11
C VAL B 132 0.80 -23.05 10.95
N LYS B 133 1.83 -23.21 10.09
CA LYS B 133 2.44 -24.51 9.86
C LYS B 133 3.09 -25.06 11.12
N GLU B 134 3.84 -24.22 11.84
CA GLU B 134 4.51 -24.63 13.07
C GLU B 134 3.50 -25.10 14.11
N VAL B 135 2.42 -24.34 14.29
CA VAL B 135 1.37 -24.69 15.24
C VAL B 135 0.69 -26.03 14.87
N ALA B 136 0.29 -26.18 13.59
CA ALA B 136 -0.36 -27.40 13.12
C ALA B 136 0.57 -28.63 13.27
N ARG B 137 1.88 -28.48 12.92
CA ARG B 137 2.90 -29.56 13.06
C ARG B 137 2.99 -30.00 14.53
N HIS B 138 2.83 -29.05 15.47
CA HIS B 138 2.90 -29.34 16.90
C HIS B 138 1.54 -29.59 17.53
N GLN B 139 0.53 -29.96 16.71
CA GLN B 139 -0.78 -30.40 17.19
C GLN B 139 -1.63 -29.30 17.83
N GLY B 140 -1.54 -28.10 17.26
CA GLY B 140 -2.36 -26.98 17.67
C GLY B 140 -3.47 -26.75 16.66
N ASP B 141 -4.52 -26.12 17.11
CA ASP B 141 -5.69 -25.86 16.30
C ASP B 141 -5.54 -24.56 15.48
N VAL B 142 -5.44 -24.72 14.14
CA VAL B 142 -5.33 -23.58 13.23
C VAL B 142 -6.53 -23.41 12.31
N THR B 143 -7.62 -24.16 12.55
CA THR B 143 -8.84 -24.13 11.71
C THR B 143 -9.31 -22.70 11.41
N HIS B 144 -9.33 -21.84 12.44
CA HIS B 144 -9.77 -20.44 12.32
C HIS B 144 -9.00 -19.62 11.26
N PHE B 145 -7.75 -19.97 11.01
CA PHE B 145 -6.90 -19.17 10.12
C PHE B 145 -6.91 -19.59 8.69
N LEU B 146 -7.60 -20.68 8.35
CA LEU B 146 -7.52 -21.20 6.99
C LEU B 146 -8.85 -21.39 6.30
N PRO B 147 -8.86 -21.32 4.96
CA PRO B 147 -10.07 -21.70 4.22
C PRO B 147 -10.31 -23.19 4.47
N GLU B 148 -11.56 -23.63 4.47
CA GLU B 148 -11.93 -25.03 4.71
C GLU B 148 -11.09 -26.06 3.92
N ASN B 149 -10.91 -25.85 2.60
CA ASN B 149 -10.15 -26.80 1.76
C ASN B 149 -8.69 -26.89 2.21
N VAL B 150 -8.13 -25.76 2.64
CA VAL B 150 -6.76 -25.72 3.14
C VAL B 150 -6.65 -26.49 4.46
N HIS B 151 -7.59 -26.28 5.39
CA HIS B 151 -7.65 -27.01 6.66
C HIS B 151 -7.63 -28.53 6.38
N GLN B 152 -8.49 -29.00 5.44
CA GLN B 152 -8.58 -30.41 5.02
C GLN B 152 -7.25 -30.92 4.44
N ALA B 153 -6.62 -30.13 3.54
CA ALA B 153 -5.35 -30.49 2.90
C ALA B 153 -4.21 -30.59 3.92
N LEU B 154 -4.12 -29.61 4.83
CA LEU B 154 -3.09 -29.55 5.87
C LEU B 154 -3.21 -30.73 6.85
N MET B 155 -4.44 -31.08 7.26
CA MET B 155 -4.66 -32.24 8.16
C MET B 155 -4.17 -33.53 7.47
N ALA B 156 -4.49 -33.72 6.16
CA ALA B 156 -4.09 -34.88 5.37
C ALA B 156 -2.56 -34.93 5.22
N LYS B 157 -1.91 -33.78 4.99
CA LYS B 157 -0.45 -33.70 4.83
C LYS B 157 0.24 -34.12 6.14
N LEU B 158 -0.20 -33.59 7.28
CA LEU B 158 0.38 -33.91 8.59
C LEU B 158 0.07 -35.31 9.09
N ALA B 159 -1.04 -35.92 8.63
CA ALA B 159 -1.42 -37.27 9.04
C ALA B 159 -0.40 -38.31 8.55
N VAL B 160 0.24 -38.07 7.40
CA VAL B 160 1.19 -39.02 6.80
C VAL B 160 2.68 -38.61 6.96
N ASP B 161 2.99 -37.31 7.10
CA ASP B 161 4.36 -36.81 7.22
C ASP B 161 5.01 -37.15 8.57
#